data_5LJA
#
_entry.id   5LJA
#
_cell.length_a   55.980
_cell.length_b   55.980
_cell.length_c   259.121
_cell.angle_alpha   90.00
_cell.angle_beta   90.00
_cell.angle_gamma   120.00
#
_symmetry.space_group_name_H-M   'P 61 2 2'
#
loop_
_entity.id
_entity.type
_entity.pdbx_description
1 polymer 'Macrolide export ATP-binding/permease protein MacB'
2 water water
#
_entity_poly.entity_id   1
_entity_poly.type   'polypeptide(L)'
_entity_poly.pdbx_seq_one_letter_code
;MTPLLELKDIRRSYPAGDEQVEVLKGISLDIYAGEMVAIVGASGSGKSTLMNILGCLDKATSGTYRVAGQDVATLDADAL
AQLRREHFGFIFQRYHLLSHLTAEQNVEVPAVYAGLERKQRLLRAQELLQRLGLEDRTEYYPAQLSGGQQQRVSIARALM
NGGQVILADEPTGALDSHSGEEVMAILHQLRDRGHTVIIVTHDPQVAAQAERVIEIRDGEIVRLEHHHHHH
;
_entity_poly.pdbx_strand_id   A
#
# COMPACT_ATOMS: atom_id res chain seq x y z
N THR A 2 11.02 15.87 8.28
CA THR A 2 9.96 16.59 7.50
C THR A 2 9.19 15.59 6.59
N PRO A 3 7.82 15.67 6.56
CA PRO A 3 6.98 14.52 6.17
C PRO A 3 6.84 14.25 4.67
N LEU A 4 7.17 13.00 4.30
CA LEU A 4 7.05 12.49 2.92
C LEU A 4 5.64 12.56 2.32
N LEU A 5 4.62 12.36 3.15
CA LEU A 5 3.20 12.53 2.79
C LEU A 5 2.48 13.46 3.75
N GLU A 6 1.56 14.28 3.20
CA GLU A 6 0.89 15.32 3.95
C GLU A 6 -0.52 15.50 3.49
N LEU A 7 -1.43 15.42 4.45
CA LEU A 7 -2.83 15.57 4.21
C LEU A 7 -3.29 16.68 5.16
N LYS A 8 -4.06 17.62 4.63
CA LYS A 8 -4.76 18.62 5.44
C LYS A 8 -6.20 18.60 5.04
N ASP A 9 -7.07 18.32 5.99
CA ASP A 9 -8.52 18.51 5.78
C ASP A 9 -9.09 17.73 4.65
N ILE A 10 -8.38 16.66 4.27
CA ILE A 10 -8.81 15.85 3.17
C ILE A 10 -10.25 15.47 3.46
N ARG A 11 -11.12 15.77 2.49
CA ARG A 11 -12.49 15.34 2.54
C ARG A 11 -12.74 14.50 1.33
N ARG A 12 -13.79 13.69 1.42
CA ARG A 12 -14.30 12.98 0.27
C ARG A 12 -15.81 12.77 0.32
N SER A 13 -16.45 13.20 -0.75
CA SER A 13 -17.88 13.04 -0.91
C SER A 13 -18.14 12.66 -2.35
N TYR A 14 -19.08 11.73 -2.55
CA TYR A 14 -19.52 11.33 -3.89
C TYR A 14 -20.85 12.03 -4.19
N PRO A 15 -20.97 12.68 -5.37
CA PRO A 15 -22.15 13.53 -5.61
C PRO A 15 -23.45 12.71 -5.68
N ALA A 16 -24.59 13.30 -5.33
CA ALA A 16 -25.86 12.54 -5.24
C ALA A 16 -27.12 13.41 -5.27
N GLY A 17 -27.15 14.39 -6.16
CA GLY A 17 -28.16 15.47 -6.10
C GLY A 17 -27.62 16.62 -5.27
N ASP A 18 -28.49 17.38 -4.59
CA ASP A 18 -28.06 18.44 -3.65
C ASP A 18 -27.48 17.79 -2.38
N GLU A 19 -27.88 16.54 -2.11
CA GLU A 19 -27.25 15.68 -1.11
C GLU A 19 -25.92 15.09 -1.68
N GLN A 20 -24.99 14.83 -0.77
CA GLN A 20 -23.67 14.27 -1.09
C GLN A 20 -23.48 13.14 -0.08
N VAL A 21 -22.56 12.23 -0.37
CA VAL A 21 -22.21 11.15 0.56
C VAL A 21 -20.79 11.41 1.08
N GLU A 22 -20.74 11.88 2.34
CA GLU A 22 -19.53 12.34 3.01
C GLU A 22 -18.83 11.14 3.67
N VAL A 23 -17.70 10.73 3.12
CA VAL A 23 -17.01 9.50 3.56
C VAL A 23 -15.89 9.83 4.53
N LEU A 24 -15.04 10.74 4.10
CA LEU A 24 -14.00 11.32 4.90
C LEU A 24 -14.38 12.77 5.13
N LYS A 25 -14.32 13.17 6.39
CA LYS A 25 -14.83 14.45 6.86
C LYS A 25 -13.74 15.31 7.48
N GLY A 26 -12.57 15.39 6.84
CA GLY A 26 -11.55 16.33 7.26
C GLY A 26 -10.48 15.59 8.01
N ILE A 27 -9.56 15.02 7.24
CA ILE A 27 -8.49 14.27 7.80
C ILE A 27 -7.22 14.98 7.50
N SER A 28 -6.53 15.33 8.57
CA SER A 28 -5.24 15.95 8.52
C SER A 28 -4.30 14.98 9.19
N LEU A 29 -3.12 14.79 8.60
CA LEU A 29 -2.21 13.70 8.95
C LEU A 29 -0.95 13.78 8.11
N ASP A 30 0.20 13.45 8.71
CA ASP A 30 1.52 13.43 8.06
C ASP A 30 2.21 12.09 8.29
N ILE A 31 2.83 11.53 7.24
CA ILE A 31 3.53 10.25 7.30
C ILE A 31 4.94 10.50 6.86
N TYR A 32 5.91 9.88 7.55
CA TYR A 32 7.34 10.05 7.28
C TYR A 32 7.94 8.86 6.56
N ALA A 33 8.95 9.09 5.73
CA ALA A 33 9.77 7.99 5.22
C ALA A 33 10.34 7.16 6.38
N GLY A 34 10.49 5.85 6.15
CA GLY A 34 11.12 4.98 7.10
C GLY A 34 10.29 4.53 8.27
N GLU A 35 8.98 4.82 8.26
CA GLU A 35 8.04 4.27 9.25
C GLU A 35 6.95 3.30 8.75
N MET A 36 6.51 2.44 9.67
CA MET A 36 5.35 1.59 9.52
C MET A 36 4.25 2.24 10.30
N VAL A 37 3.19 2.62 9.57
CA VAL A 37 1.97 3.22 10.12
C VAL A 37 0.79 2.29 9.93
N ALA A 38 -0.13 2.28 10.88
CA ALA A 38 -1.35 1.51 10.72
C ALA A 38 -2.53 2.41 10.83
N ILE A 39 -3.51 2.10 10.02
CA ILE A 39 -4.75 2.81 9.92
C ILE A 39 -5.79 1.76 10.20
N VAL A 40 -6.53 1.92 11.27
CA VAL A 40 -7.39 0.88 11.78
C VAL A 40 -8.78 1.45 11.99
N GLY A 41 -9.77 0.65 11.68
CA GLY A 41 -11.14 1.09 11.79
C GLY A 41 -12.09 0.06 11.25
N ALA A 42 -13.38 0.30 11.49
CA ALA A 42 -14.41 -0.60 11.05
C ALA A 42 -14.54 -0.51 9.55
N SER A 43 -15.18 -1.52 8.95
CA SER A 43 -15.84 -1.35 7.65
C SER A 43 -16.76 -0.14 7.85
N GLY A 44 -16.90 0.69 6.82
CA GLY A 44 -17.68 1.94 6.94
C GLY A 44 -16.86 3.12 7.42
N SER A 45 -15.72 2.88 8.07
CA SER A 45 -14.96 3.97 8.64
C SER A 45 -14.49 5.00 7.61
N GLY A 46 -14.34 4.56 6.35
CA GLY A 46 -13.74 5.38 5.30
C GLY A 46 -12.25 5.15 5.15
N LYS A 47 -11.74 4.16 5.89
CA LYS A 47 -10.33 3.80 5.80
C LYS A 47 -9.97 3.32 4.38
N SER A 48 -10.94 2.82 3.59
CA SER A 48 -10.64 2.36 2.22
C SER A 48 -10.41 3.52 1.26
N THR A 49 -11.27 4.52 1.36
CA THR A 49 -11.14 5.70 0.55
C THR A 49 -9.86 6.44 0.81
N LEU A 50 -9.49 6.51 2.09
CA LEU A 50 -8.26 7.14 2.51
C LEU A 50 -7.08 6.38 1.88
N MET A 51 -7.10 5.08 1.96
CA MET A 51 -6.16 4.28 1.15
C MET A 51 -6.08 4.64 -0.32
N ASN A 52 -7.23 4.72 -0.97
CA ASN A 52 -7.21 5.01 -2.40
C ASN A 52 -6.68 6.38 -2.67
N ILE A 53 -7.06 7.34 -1.81
CA ILE A 53 -6.52 8.69 -1.90
C ILE A 53 -5.01 8.63 -1.69
N LEU A 54 -4.55 7.96 -0.63
CA LEU A 54 -3.11 7.83 -0.43
C LEU A 54 -2.39 7.30 -1.65
N GLY A 55 -2.99 6.30 -2.29
CA GLY A 55 -2.44 5.73 -3.50
C GLY A 55 -2.64 6.52 -4.76
N CYS A 56 -3.38 7.63 -4.70
CA CYS A 56 -3.68 8.44 -5.87
C CYS A 56 -4.44 7.67 -6.94
N LEU A 57 -5.28 6.76 -6.51
CA LEU A 57 -6.17 6.05 -7.36
C LEU A 57 -7.49 6.72 -7.17
N ASP A 58 -7.51 7.70 -6.27
CA ASP A 58 -8.68 8.53 -6.03
C ASP A 58 -8.31 9.99 -5.69
N LYS A 59 -9.20 10.88 -6.14
CA LYS A 59 -9.08 12.30 -5.88
C LYS A 59 -9.84 12.66 -4.61
N ALA A 60 -9.18 13.40 -3.72
CA ALA A 60 -9.90 14.14 -2.67
C ALA A 60 -10.86 15.17 -3.29
N THR A 61 -12.08 15.30 -2.75
CA THR A 61 -13.01 16.37 -3.16
C THR A 61 -12.56 17.75 -2.65
N SER A 62 -12.19 17.86 -1.38
CA SER A 62 -11.48 19.04 -0.92
C SER A 62 -10.31 18.66 -0.05
N GLY A 63 -9.39 19.59 0.13
CA GLY A 63 -8.25 19.39 1.00
C GLY A 63 -6.99 19.30 0.15
N THR A 64 -5.86 19.12 0.82
CA THR A 64 -4.56 19.16 0.16
C THR A 64 -3.75 17.91 0.51
N TYR A 65 -3.41 17.13 -0.53
CA TYR A 65 -2.59 15.95 -0.40
C TYR A 65 -1.32 16.22 -1.18
N ARG A 66 -0.21 16.23 -0.45
CA ARG A 66 1.09 16.44 -0.99
C ARG A 66 1.91 15.17 -0.71
N VAL A 67 2.63 14.76 -1.72
CA VAL A 67 3.41 13.59 -1.80
C VAL A 67 4.76 14.08 -2.23
N ALA A 68 5.75 13.98 -1.36
CA ALA A 68 7.10 14.52 -1.61
C ALA A 68 7.15 16.02 -2.04
N GLY A 69 6.21 16.83 -1.55
CA GLY A 69 6.11 18.25 -1.91
C GLY A 69 5.00 18.52 -2.91
N GLN A 70 4.88 17.60 -3.87
CA GLN A 70 3.97 17.81 -4.97
C GLN A 70 2.50 17.67 -4.53
N ASP A 71 1.73 18.73 -4.74
CA ASP A 71 0.28 18.72 -4.52
C ASP A 71 -0.28 18.02 -5.73
N VAL A 72 -1.15 17.05 -5.45
CA VAL A 72 -1.50 16.10 -6.45
C VAL A 72 -2.68 16.55 -7.26
N ALA A 73 -3.54 17.42 -6.72
CA ALA A 73 -4.75 17.89 -7.42
C ALA A 73 -4.51 18.57 -8.78
N THR A 74 -3.31 19.13 -8.96
CA THR A 74 -2.92 19.97 -10.08
C THR A 74 -2.43 19.18 -11.28
N LEU A 75 -2.21 17.87 -11.09
CA LEU A 75 -1.56 17.03 -12.10
C LEU A 75 -2.59 16.32 -12.98
N ASP A 76 -2.25 16.15 -14.28
CA ASP A 76 -3.10 15.36 -15.23
C ASP A 76 -3.02 13.85 -14.90
N ALA A 77 -3.96 13.04 -15.39
CA ALA A 77 -3.93 11.60 -15.16
C ALA A 77 -2.57 10.95 -15.42
N ASP A 78 -1.85 11.40 -16.46
CA ASP A 78 -0.54 10.82 -16.81
C ASP A 78 0.53 11.17 -15.83
N ALA A 79 0.60 12.44 -15.46
CA ALA A 79 1.60 12.91 -14.52
C ALA A 79 1.36 12.35 -13.09
N LEU A 80 0.10 12.23 -12.70
CA LEU A 80 -0.31 11.55 -11.46
C LEU A 80 0.16 10.08 -11.43
N ALA A 81 -0.05 9.41 -12.57
CA ALA A 81 0.38 8.05 -12.79
C ALA A 81 1.86 7.89 -12.66
N GLN A 82 2.63 8.86 -13.11
CA GLN A 82 4.08 8.83 -12.97
C GLN A 82 4.56 8.98 -11.55
N LEU A 83 3.89 9.88 -10.85
CA LEU A 83 4.13 10.10 -9.43
C LEU A 83 3.80 8.82 -8.65
N ARG A 84 2.59 8.32 -8.88
CA ARG A 84 2.19 7.09 -8.23
C ARG A 84 3.30 6.02 -8.42
N ARG A 85 3.76 5.81 -9.65
CA ARG A 85 4.85 4.88 -9.95
C ARG A 85 6.18 5.24 -9.31
N GLU A 86 6.45 6.53 -9.12
CA GLU A 86 7.69 7.01 -8.45
C GLU A 86 7.75 6.68 -6.99
N HIS A 87 6.58 6.50 -6.37
CA HIS A 87 6.49 6.44 -4.91
C HIS A 87 5.78 5.24 -4.31
N PHE A 88 4.87 4.59 -5.02
CA PHE A 88 3.92 3.69 -4.36
C PHE A 88 3.90 2.26 -4.85
N GLY A 89 3.68 1.34 -3.93
CA GLY A 89 3.43 -0.05 -4.26
C GLY A 89 2.22 -0.45 -3.47
N PHE A 90 1.56 -1.48 -3.93
CA PHE A 90 0.23 -1.91 -3.44
C PHE A 90 0.14 -3.41 -3.24
N ILE A 91 -0.38 -3.80 -2.09
CA ILE A 91 -0.77 -5.15 -1.85
C ILE A 91 -2.07 -5.09 -1.11
N PHE A 92 -2.78 -6.21 -1.20
CA PHE A 92 -4.19 -6.36 -0.81
C PHE A 92 -4.42 -7.73 -0.21
N GLN A 93 -5.63 -7.94 0.29
CA GLN A 93 -5.97 -9.19 0.92
C GLN A 93 -5.97 -10.30 -0.12
N ARG A 94 -6.59 -10.02 -1.26
CA ARG A 94 -6.46 -10.82 -2.48
C ARG A 94 -5.15 -10.45 -3.19
N TYR A 95 -4.61 -11.39 -3.96
CA TYR A 95 -3.24 -11.27 -4.47
C TYR A 95 -3.15 -10.54 -5.81
N HIS A 96 -4.25 -10.53 -6.57
CA HIS A 96 -4.34 -9.85 -7.86
C HIS A 96 -3.28 -10.28 -8.89
N LEU A 97 -2.94 -11.56 -8.87
CA LEU A 97 -2.06 -12.12 -9.85
C LEU A 97 -2.86 -12.61 -11.06
N LEU A 98 -2.31 -12.42 -12.25
CA LEU A 98 -2.85 -13.04 -13.44
C LEU A 98 -2.44 -14.50 -13.37
N SER A 99 -3.44 -15.37 -13.49
CA SER A 99 -3.25 -16.81 -13.41
C SER A 99 -2.42 -17.40 -14.60
N HIS A 100 -2.39 -16.74 -15.76
CA HIS A 100 -1.63 -17.27 -16.91
C HIS A 100 -0.22 -16.65 -17.11
N LEU A 101 0.27 -15.92 -16.10
CA LEU A 101 1.58 -15.31 -16.08
C LEU A 101 2.36 -15.99 -14.96
N THR A 102 3.66 -16.13 -15.12
CA THR A 102 4.49 -16.64 -14.06
C THR A 102 4.59 -15.58 -13.00
N ALA A 103 5.08 -15.99 -11.85
CA ALA A 103 5.47 -15.11 -10.78
C ALA A 103 6.41 -13.99 -11.28
N GLU A 104 7.48 -14.34 -11.97
CA GLU A 104 8.42 -13.33 -12.48
C GLU A 104 7.70 -12.36 -13.42
N GLN A 105 6.81 -12.92 -14.26
CA GLN A 105 6.04 -12.13 -15.20
C GLN A 105 5.08 -11.16 -14.51
N ASN A 106 4.35 -11.64 -13.53
CA ASN A 106 3.52 -10.76 -12.69
C ASN A 106 4.30 -9.63 -12.01
N VAL A 107 5.54 -9.93 -11.61
CA VAL A 107 6.36 -8.94 -10.91
C VAL A 107 6.81 -7.84 -11.86
N GLU A 108 7.17 -8.22 -13.09
CA GLU A 108 7.47 -7.23 -14.11
C GLU A 108 6.38 -6.23 -14.37
N VAL A 109 5.12 -6.59 -14.13
CA VAL A 109 4.05 -5.82 -14.80
C VAL A 109 4.15 -4.31 -14.56
N PRO A 110 4.36 -3.88 -13.29
CA PRO A 110 4.34 -2.42 -13.10
C PRO A 110 5.40 -1.64 -13.88
N ALA A 111 6.60 -2.20 -13.95
CA ALA A 111 7.68 -1.64 -14.73
C ALA A 111 7.34 -1.45 -16.21
N VAL A 112 6.36 -2.18 -16.73
CA VAL A 112 6.11 -2.06 -18.18
C VAL A 112 5.81 -0.61 -18.55
N TYR A 113 4.99 0.03 -17.73
CA TYR A 113 4.44 1.37 -17.95
C TYR A 113 5.24 2.52 -17.38
N ALA A 114 6.26 2.19 -16.58
CA ALA A 114 7.39 3.09 -16.34
C ALA A 114 8.37 3.00 -17.53
N GLY A 115 8.01 2.21 -18.53
CA GLY A 115 8.66 2.26 -19.83
C GLY A 115 9.97 1.52 -19.94
N LEU A 116 10.36 0.77 -18.91
CA LEU A 116 11.64 0.10 -19.00
C LEU A 116 11.45 -1.23 -19.75
N GLU A 117 12.41 -1.58 -20.61
CA GLU A 117 12.22 -2.73 -21.52
C GLU A 117 12.56 -4.06 -20.84
N ARG A 118 12.10 -5.14 -21.47
CA ARG A 118 11.95 -6.45 -20.83
C ARG A 118 13.19 -7.10 -20.25
N LYS A 119 14.36 -6.74 -20.76
CA LYS A 119 15.58 -7.42 -20.33
C LYS A 119 15.95 -6.91 -18.92
N GLN A 120 15.95 -5.58 -18.74
CA GLN A 120 16.13 -4.98 -17.42
C GLN A 120 15.01 -5.39 -16.45
N ARG A 121 13.80 -5.44 -17.00
CA ARG A 121 12.59 -5.75 -16.23
C ARG A 121 12.67 -7.13 -15.59
N LEU A 122 13.13 -8.09 -16.40
CA LEU A 122 13.22 -9.48 -16.02
C LEU A 122 14.25 -9.65 -14.90
N LEU A 123 15.44 -9.12 -15.17
CA LEU A 123 16.53 -9.15 -14.19
C LEU A 123 16.09 -8.62 -12.82
N ARG A 124 15.36 -7.50 -12.80
CA ARG A 124 14.90 -6.93 -11.49
C ARG A 124 13.84 -7.84 -10.82
N ALA A 125 12.84 -8.28 -11.59
CA ALA A 125 11.82 -9.21 -11.08
C ALA A 125 12.40 -10.40 -10.36
N GLN A 126 13.42 -11.00 -10.96
CA GLN A 126 14.09 -12.17 -10.37
C GLN A 126 14.84 -11.81 -9.11
N GLU A 127 15.57 -10.69 -9.15
CA GLU A 127 16.29 -10.24 -7.97
C GLU A 127 15.30 -10.08 -6.85
N LEU A 128 14.16 -9.49 -7.19
CA LEU A 128 13.16 -9.19 -6.18
C LEU A 128 12.46 -10.44 -5.71
N LEU A 129 12.15 -11.39 -6.60
CA LEU A 129 11.58 -12.67 -6.14
C LEU A 129 12.56 -13.52 -5.28
N GLN A 130 13.84 -13.49 -5.66
CA GLN A 130 14.88 -14.13 -4.86
C GLN A 130 14.93 -13.48 -3.51
N ARG A 131 14.97 -12.14 -3.48
CA ARG A 131 15.00 -11.40 -2.23
C ARG A 131 13.85 -11.82 -1.31
N LEU A 132 12.71 -12.21 -1.89
CA LEU A 132 11.54 -12.68 -1.11
C LEU A 132 11.38 -14.18 -0.91
N GLY A 133 12.42 -14.94 -1.29
CA GLY A 133 12.57 -16.35 -0.95
C GLY A 133 11.83 -17.19 -1.96
N LEU A 134 11.86 -16.74 -3.21
CA LEU A 134 11.18 -17.38 -4.32
C LEU A 134 12.09 -17.44 -5.52
N GLU A 135 13.35 -17.74 -5.27
CA GLU A 135 14.35 -17.88 -6.32
C GLU A 135 14.00 -19.02 -7.23
N ASP A 136 13.47 -20.08 -6.63
CA ASP A 136 13.14 -21.31 -7.35
C ASP A 136 11.70 -21.39 -7.79
N ARG A 137 10.95 -20.29 -7.61
CA ARG A 137 9.55 -20.24 -7.99
C ARG A 137 9.34 -19.22 -9.11
N THR A 138 10.43 -18.74 -9.69
CA THR A 138 10.30 -17.68 -10.69
C THR A 138 9.41 -18.01 -11.93
N GLU A 139 9.27 -19.28 -12.28
CA GLU A 139 8.39 -19.65 -13.38
C GLU A 139 7.13 -20.43 -12.96
N TYR A 140 6.84 -20.41 -11.66
CA TYR A 140 5.63 -21.06 -11.17
C TYR A 140 4.49 -20.14 -11.51
N TYR A 141 3.34 -20.76 -11.84
CA TYR A 141 2.06 -20.05 -12.04
C TYR A 141 1.30 -19.95 -10.72
N PRO A 142 0.42 -18.94 -10.56
CA PRO A 142 -0.33 -18.71 -9.32
C PRO A 142 -1.05 -19.92 -8.74
N ALA A 143 -1.66 -20.74 -9.59
CA ALA A 143 -2.40 -21.91 -9.14
C ALA A 143 -1.48 -22.99 -8.52
N GLN A 144 -0.21 -23.00 -8.91
CA GLN A 144 0.82 -23.82 -8.25
C GLN A 144 1.31 -23.24 -6.89
N LEU A 145 0.91 -22.05 -6.48
CA LEU A 145 1.47 -21.41 -5.28
C LEU A 145 0.43 -21.30 -4.17
N SER A 146 0.88 -21.29 -2.92
CA SER A 146 -0.01 -21.07 -1.75
C SER A 146 -0.47 -19.59 -1.70
N GLY A 147 -1.45 -19.29 -0.85
CA GLY A 147 -1.72 -17.90 -0.51
C GLY A 147 -0.42 -17.17 -0.13
N GLY A 148 0.30 -17.77 0.81
CA GLY A 148 1.46 -17.18 1.48
C GLY A 148 2.52 -16.77 0.50
N GLN A 149 2.80 -17.67 -0.40
CA GLN A 149 3.70 -17.42 -1.50
C GLN A 149 3.21 -16.39 -2.50
N GLN A 150 1.93 -16.46 -2.83
CA GLN A 150 1.33 -15.51 -3.76
C GLN A 150 1.47 -14.05 -3.23
N GLN A 151 1.25 -13.88 -1.93
CA GLN A 151 1.44 -12.60 -1.29
C GLN A 151 2.89 -12.13 -1.30
N ARG A 152 3.86 -13.05 -1.15
CA ARG A 152 5.25 -12.65 -1.37
C ARG A 152 5.44 -12.21 -2.81
N VAL A 153 4.79 -12.88 -3.77
CA VAL A 153 4.89 -12.46 -5.18
C VAL A 153 4.35 -11.03 -5.39
N SER A 154 3.19 -10.78 -4.80
CA SER A 154 2.56 -9.48 -4.76
C SER A 154 3.44 -8.44 -4.04
N ILE A 155 4.22 -8.83 -3.02
CA ILE A 155 5.16 -7.88 -2.39
C ILE A 155 6.31 -7.55 -3.33
N ALA A 156 6.90 -8.56 -3.90
CA ALA A 156 7.94 -8.35 -4.91
C ALA A 156 7.44 -7.45 -6.04
N ARG A 157 6.19 -7.63 -6.46
CA ARG A 157 5.59 -6.77 -7.48
C ARG A 157 5.49 -5.33 -7.00
N ALA A 158 5.18 -5.12 -5.72
CA ALA A 158 5.04 -3.81 -5.12
C ALA A 158 6.38 -3.05 -5.07
N LEU A 159 7.48 -3.80 -4.96
CA LEU A 159 8.86 -3.23 -5.04
C LEU A 159 9.32 -2.94 -6.45
N MET A 160 8.60 -3.37 -7.47
CA MET A 160 9.15 -3.30 -8.83
C MET A 160 9.52 -1.91 -9.29
N ASN A 161 8.71 -0.93 -8.94
CA ASN A 161 9.01 0.44 -9.31
C ASN A 161 9.67 1.22 -8.13
N GLY A 162 10.29 0.47 -7.21
CA GLY A 162 10.88 1.03 -6.01
C GLY A 162 10.06 0.75 -4.77
N GLY A 163 8.77 0.98 -4.87
CA GLY A 163 7.90 0.75 -3.77
C GLY A 163 8.31 1.54 -2.54
N GLN A 164 8.65 2.80 -2.72
CA GLN A 164 9.09 3.62 -1.64
C GLN A 164 8.09 3.59 -0.51
N VAL A 165 6.81 3.80 -0.84
CA VAL A 165 5.66 3.65 0.08
C VAL A 165 4.83 2.44 -0.28
N ILE A 166 4.72 1.50 0.65
CA ILE A 166 3.93 0.30 0.46
C ILE A 166 2.58 0.52 1.13
N LEU A 167 1.53 0.45 0.33
CA LEU A 167 0.19 0.51 0.83
C LEU A 167 -0.33 -0.91 0.85
N ALA A 168 -0.52 -1.41 2.07
CA ALA A 168 -1.05 -2.76 2.29
C ALA A 168 -2.42 -2.72 2.92
N ASP A 169 -3.39 -3.21 2.17
CA ASP A 169 -4.74 -3.40 2.63
C ASP A 169 -4.97 -4.85 3.10
N GLU A 170 -5.27 -5.02 4.40
CA GLU A 170 -5.43 -6.31 5.08
C GLU A 170 -4.54 -7.40 4.50
N PRO A 171 -3.22 -7.16 4.44
CA PRO A 171 -2.37 -8.11 3.75
C PRO A 171 -2.27 -9.53 4.37
N THR A 172 -2.81 -9.72 5.58
CA THR A 172 -2.88 -11.07 6.21
C THR A 172 -4.31 -11.60 6.45
N GLY A 173 -5.30 -10.91 5.87
CA GLY A 173 -6.70 -11.29 5.93
C GLY A 173 -7.03 -12.71 5.48
N ALA A 174 -6.39 -13.17 4.38
CA ALA A 174 -6.60 -14.54 3.86
C ALA A 174 -5.52 -15.54 4.29
N LEU A 175 -4.68 -15.17 5.25
CA LEU A 175 -3.52 -15.97 5.62
C LEU A 175 -3.63 -16.59 7.00
N ASP A 176 -3.07 -17.80 7.13
CA ASP A 176 -2.89 -18.47 8.40
C ASP A 176 -1.86 -17.74 9.25
N SER A 177 -1.82 -18.08 10.53
CA SER A 177 -1.00 -17.36 11.51
C SER A 177 0.47 -17.41 11.09
N HIS A 178 0.89 -18.49 10.42
CA HIS A 178 2.31 -18.67 10.07
C HIS A 178 2.67 -17.80 8.89
N SER A 179 1.90 -17.87 7.82
CA SER A 179 2.09 -17.00 6.68
C SER A 179 1.97 -15.51 7.04
N GLY A 180 1.04 -15.16 7.94
CA GLY A 180 0.87 -13.79 8.44
C GLY A 180 2.14 -13.16 9.01
N GLU A 181 2.72 -13.82 10.01
CA GLU A 181 4.03 -13.49 10.58
C GLU A 181 5.16 -13.32 9.55
N GLU A 182 5.22 -14.23 8.59
CA GLU A 182 6.18 -14.17 7.47
C GLU A 182 5.97 -12.83 6.72
N VAL A 183 4.72 -12.54 6.37
CA VAL A 183 4.35 -11.31 5.70
C VAL A 183 4.68 -10.08 6.53
N MET A 184 4.34 -10.11 7.81
CA MET A 184 4.65 -8.98 8.70
C MET A 184 6.12 -8.74 8.79
N ALA A 185 6.89 -9.82 8.88
CA ALA A 185 8.29 -9.72 9.14
C ALA A 185 9.00 -9.16 7.91
N ILE A 186 8.51 -9.52 6.73
CA ILE A 186 8.99 -8.86 5.51
C ILE A 186 8.66 -7.38 5.51
N LEU A 187 7.46 -7.03 5.96
CA LEU A 187 7.08 -5.62 6.06
C LEU A 187 7.89 -4.83 7.08
N HIS A 188 8.23 -5.45 8.22
CA HIS A 188 9.18 -4.82 9.17
C HIS A 188 10.54 -4.66 8.55
N GLN A 189 11.00 -5.68 7.84
CA GLN A 189 12.29 -5.64 7.13
C GLN A 189 12.34 -4.51 6.12
N LEU A 190 11.28 -4.37 5.33
CA LEU A 190 11.26 -3.30 4.36
C LEU A 190 11.31 -1.95 5.06
N ARG A 191 10.46 -1.74 6.06
CA ARG A 191 10.51 -0.51 6.91
C ARG A 191 11.88 -0.28 7.55
N ASP A 192 12.54 -1.35 8.04
CA ASP A 192 13.95 -1.29 8.44
C ASP A 192 14.86 -0.70 7.39
N ARG A 193 14.72 -1.15 6.14
CA ARG A 193 15.52 -0.62 5.02
C ARG A 193 15.03 0.73 4.46
N GLY A 194 14.20 1.46 5.21
CA GLY A 194 13.84 2.85 4.85
C GLY A 194 12.49 3.06 4.17
N HIS A 195 11.84 1.97 3.75
CA HIS A 195 10.50 2.06 3.16
C HIS A 195 9.52 2.54 4.18
N THR A 196 8.48 3.21 3.69
CA THR A 196 7.31 3.53 4.48
C THR A 196 6.31 2.41 4.21
N VAL A 197 5.56 1.99 5.21
CA VAL A 197 4.57 0.93 5.07
C VAL A 197 3.33 1.41 5.75
N ILE A 198 2.26 1.49 4.99
CA ILE A 198 1.00 1.87 5.52
C ILE A 198 0.16 0.66 5.41
N ILE A 199 -0.45 0.28 6.52
CA ILE A 199 -1.21 -0.92 6.57
C ILE A 199 -2.57 -0.60 7.11
N VAL A 200 -3.61 -0.99 6.36
CA VAL A 200 -4.99 -0.87 6.81
C VAL A 200 -5.53 -2.21 7.31
N THR A 201 -6.19 -2.19 8.46
CA THR A 201 -6.73 -3.37 9.11
C THR A 201 -7.98 -3.05 9.97
N HIS A 202 -8.89 -4.03 10.14
CA HIS A 202 -9.94 -3.99 11.21
C HIS A 202 -9.32 -4.33 12.54
N ASP A 203 -8.22 -5.10 12.48
CA ASP A 203 -7.67 -5.83 13.62
C ASP A 203 -6.60 -5.01 14.40
N PRO A 204 -6.95 -4.53 15.63
CA PRO A 204 -5.91 -3.75 16.32
C PRO A 204 -4.64 -4.55 16.73
N GLN A 205 -4.67 -5.87 16.66
CA GLN A 205 -3.47 -6.70 16.92
C GLN A 205 -2.43 -6.58 15.81
N VAL A 206 -2.89 -6.55 14.56
CA VAL A 206 -2.03 -6.27 13.39
C VAL A 206 -1.52 -4.82 13.45
N ALA A 207 -2.45 -3.95 13.77
CA ALA A 207 -2.16 -2.53 13.95
C ALA A 207 -1.03 -2.29 14.99
N ALA A 208 -1.11 -3.01 16.11
CA ALA A 208 -0.19 -2.82 17.25
C ALA A 208 1.28 -2.95 16.85
N GLN A 209 1.54 -3.70 15.78
CA GLN A 209 2.87 -3.89 15.25
C GLN A 209 3.50 -2.68 14.56
N ALA A 210 2.67 -1.71 14.21
CA ALA A 210 3.11 -0.46 13.60
C ALA A 210 3.83 0.46 14.61
N GLU A 211 4.61 1.40 14.10
CA GLU A 211 5.19 2.42 14.97
C GLU A 211 4.13 3.45 15.41
N ARG A 212 3.12 3.70 14.57
CA ARG A 212 2.00 4.59 14.91
C ARG A 212 0.71 4.02 14.37
N VAL A 213 -0.37 4.28 15.08
CA VAL A 213 -1.68 3.71 14.79
C VAL A 213 -2.76 4.81 14.79
N ILE A 214 -3.29 5.08 13.59
CA ILE A 214 -4.34 6.06 13.40
C ILE A 214 -5.58 5.26 13.40
N GLU A 215 -6.58 5.72 14.14
CA GLU A 215 -7.90 5.08 14.11
C GLU A 215 -8.92 6.02 13.51
N ILE A 216 -9.67 5.55 12.52
CA ILE A 216 -10.78 6.31 11.92
C ILE A 216 -12.03 5.63 12.37
N ARG A 217 -13.00 6.39 12.88
N ARG A 217 -13.00 6.40 12.87
CA ARG A 217 -14.31 5.82 13.21
CA ARG A 217 -14.31 5.85 13.23
C ARG A 217 -15.33 6.10 12.11
C ARG A 217 -15.32 6.10 12.11
N ASP A 218 -15.53 7.37 11.77
CA ASP A 218 -16.50 7.75 10.72
C ASP A 218 -16.00 8.96 9.95
N GLY A 219 -15.10 8.70 9.01
CA GLY A 219 -14.48 9.75 8.20
C GLY A 219 -13.57 10.71 8.92
N GLU A 220 -13.27 10.37 10.18
CA GLU A 220 -12.61 11.25 11.07
C GLU A 220 -11.64 10.43 11.94
N ILE A 221 -10.42 10.94 12.11
CA ILE A 221 -9.49 10.36 13.07
C ILE A 221 -10.07 10.56 14.46
N VAL A 222 -9.91 9.58 15.32
CA VAL A 222 -10.29 9.71 16.72
C VAL A 222 -9.13 9.51 17.70
N ARG A 223 -8.00 8.99 17.24
CA ARG A 223 -6.92 8.54 18.13
C ARG A 223 -5.65 8.30 17.32
N LEU A 224 -4.52 8.85 17.77
CA LEU A 224 -3.19 8.52 17.27
C LEU A 224 -2.37 7.93 18.41
N GLU A 225 -1.69 6.80 18.18
CA GLU A 225 -0.87 6.15 19.20
C GLU A 225 0.53 5.83 18.70
N HIS A 226 1.56 6.07 19.52
CA HIS A 226 2.90 5.63 19.15
C HIS A 226 3.21 4.26 19.79
N HIS A 227 3.93 3.40 19.05
CA HIS A 227 4.42 2.11 19.54
C HIS A 227 5.92 1.98 19.20
N HIS A 228 6.68 1.41 20.13
CA HIS A 228 8.10 1.14 19.93
C HIS A 228 8.21 -0.36 20.18
N HIS A 229 9.23 -0.99 19.61
CA HIS A 229 9.02 -2.38 19.26
C HIS A 229 9.98 -3.51 19.52
N HIS A 230 9.28 -4.63 19.62
CA HIS A 230 9.77 -5.89 20.03
C HIS A 230 9.53 -6.87 18.85
N HIS A 231 9.55 -6.35 17.62
CA HIS A 231 9.20 -7.11 16.43
C HIS A 231 10.35 -8.08 16.09
#